data_2XRN
#
_entry.id   2XRN
#
_cell.length_a   70.862
_cell.length_b   116.184
_cell.length_c   71.881
_cell.angle_alpha   90.00
_cell.angle_beta   104.34
_cell.angle_gamma   90.00
#
_symmetry.space_group_name_H-M   'C 1 2 1'
#
loop_
_entity.id
_entity.type
_entity.pdbx_description
1 polymer 'HTH-TYPE TRANSCRIPTIONAL REGULATOR TTGV'
2 water water
#
_entity_poly.entity_id   1
_entity_poly.type   'polypeptide(L)'
_entity_poly.pdbx_seq_one_letter_code
;SIQVIARAASIMRALGSHPHGLSLAAIAQLVGLPRSTVQRIINALEEEFLVEALGPAGGFRLGPALGQLINQAQTDILSL
VKPYLRSLAEELDESVSLASLAGDKIYVLDRIVSERELRVVFPIGINVPAAATAAGKVLLAALPDETLQAALGEQLPVLT
SNTLGRKALVKQLSEVRQSGVASDLDEHIDGVSSFATLLDTYLGYYSLAIVMPSSRASKQSDLIKKALLQSKLNIERAIG
R
;
_entity_poly.pdbx_strand_id   A,B
#
# COMPACT_ATOMS: atom_id res chain seq x y z
N GLN A 3 -27.27 -8.30 0.87
CA GLN A 3 -27.30 -8.15 -0.60
C GLN A 3 -27.22 -6.72 -1.17
N VAL A 4 -27.61 -5.73 -0.37
CA VAL A 4 -27.28 -4.31 -0.58
C VAL A 4 -25.78 -4.12 -0.38
N ILE A 5 -25.22 -4.98 0.46
CA ILE A 5 -23.77 -5.01 0.67
C ILE A 5 -23.07 -5.17 -0.67
N ALA A 6 -23.65 -5.99 -1.54
CA ALA A 6 -23.11 -6.19 -2.87
C ALA A 6 -23.23 -4.94 -3.73
N ARG A 7 -24.32 -4.19 -3.55
CA ARG A 7 -24.48 -2.93 -4.27
C ARG A 7 -23.35 -1.99 -3.83
N ALA A 8 -23.22 -1.82 -2.52
CA ALA A 8 -22.15 -1.00 -1.96
C ALA A 8 -20.81 -1.38 -2.56
N ALA A 9 -20.45 -2.65 -2.40
CA ALA A 9 -19.19 -3.19 -2.92
C ALA A 9 -18.98 -2.85 -4.39
N SER A 10 -20.02 -3.02 -5.21
CA SER A 10 -19.92 -2.65 -6.61
C SER A 10 -19.56 -1.18 -6.76
N ILE A 11 -20.14 -0.35 -5.90
CA ILE A 11 -19.82 1.07 -5.91
C ILE A 11 -18.36 1.35 -5.56
N MET A 12 -17.88 0.75 -4.46
CA MET A 12 -16.49 0.87 -4.09
C MET A 12 -15.61 0.48 -5.27
N ARG A 13 -15.87 -0.69 -5.83
CA ARG A 13 -15.16 -1.17 -7.00
C ARG A 13 -15.09 -0.07 -8.04
N ALA A 14 -16.23 0.55 -8.32
CA ALA A 14 -16.28 1.60 -9.32
C ALA A 14 -15.36 2.76 -8.97
N LEU A 15 -15.35 3.15 -7.70
CA LEU A 15 -14.55 4.28 -7.25
C LEU A 15 -13.05 4.00 -7.31
N GLY A 16 -12.68 2.75 -7.02
CA GLY A 16 -11.28 2.37 -7.04
C GLY A 16 -10.70 2.35 -8.43
N SER A 17 -11.58 2.32 -9.43
CA SER A 17 -11.16 2.34 -10.83
C SER A 17 -10.96 3.76 -11.34
N HIS A 18 -11.40 4.74 -10.56
CA HIS A 18 -11.32 6.14 -10.98
C HIS A 18 -10.90 7.04 -9.82
N PRO A 19 -9.60 6.99 -9.47
CA PRO A 19 -9.00 7.62 -8.30
C PRO A 19 -9.22 9.12 -8.25
N HIS A 20 -9.55 9.71 -9.39
CA HIS A 20 -9.77 11.15 -9.45
C HIS A 20 -11.17 11.55 -9.00
N GLY A 21 -12.11 10.61 -9.10
CA GLY A 21 -13.47 10.85 -8.65
C GLY A 21 -14.54 10.53 -9.68
N LEU A 22 -15.76 10.34 -9.21
CA LEU A 22 -16.90 10.10 -10.08
C LEU A 22 -18.07 10.98 -9.68
N SER A 23 -18.84 11.41 -10.67
CA SER A 23 -20.11 12.09 -10.40
C SER A 23 -21.14 11.06 -10.02
N LEU A 24 -22.00 11.39 -9.06
CA LEU A 24 -23.07 10.49 -8.67
C LEU A 24 -23.66 9.85 -9.91
N ALA A 25 -23.87 10.67 -10.93
CA ALA A 25 -24.34 10.18 -12.24
C ALA A 25 -23.48 9.03 -12.75
N ALA A 26 -22.21 9.32 -13.02
CA ALA A 26 -21.30 8.33 -13.59
C ALA A 26 -21.23 7.04 -12.77
N ILE A 27 -21.27 7.17 -11.44
CA ILE A 27 -21.30 6.00 -10.58
C ILE A 27 -22.55 5.20 -10.90
N ALA A 28 -23.68 5.91 -10.93
CA ALA A 28 -24.98 5.30 -11.17
C ALA A 28 -24.99 4.54 -12.49
N GLN A 29 -24.31 5.09 -13.49
CA GLN A 29 -24.27 4.47 -14.81
C GLN A 29 -23.37 3.23 -14.83
N LEU A 30 -22.16 3.36 -14.30
CA LEU A 30 -21.22 2.24 -14.27
C LEU A 30 -21.86 1.02 -13.63
N VAL A 31 -22.16 1.12 -12.35
CA VAL A 31 -22.96 0.10 -11.67
C VAL A 31 -24.35 0.14 -12.28
N GLY A 32 -25.07 -0.97 -12.23
CA GLY A 32 -26.38 -1.05 -12.85
C GLY A 32 -27.51 -0.59 -11.96
N LEU A 33 -27.34 0.56 -11.32
CA LEU A 33 -28.30 1.04 -10.34
C LEU A 33 -28.72 2.50 -10.61
N PRO A 34 -29.89 2.89 -10.07
CA PRO A 34 -30.50 4.22 -10.24
C PRO A 34 -29.77 5.25 -9.38
N ARG A 35 -29.53 6.42 -9.96
CA ARG A 35 -28.90 7.56 -9.27
C ARG A 35 -29.38 7.69 -7.82
N SER A 36 -30.66 7.45 -7.59
CA SER A 36 -31.24 7.55 -6.26
C SER A 36 -30.67 6.55 -5.25
N THR A 37 -30.95 5.27 -5.45
CA THR A 37 -30.51 4.26 -4.49
C THR A 37 -28.99 4.31 -4.30
N VAL A 38 -28.29 4.68 -5.37
CA VAL A 38 -26.86 4.91 -5.30
C VAL A 38 -26.56 6.03 -4.30
N GLN A 39 -27.14 7.20 -4.52
CA GLN A 39 -27.02 8.28 -3.55
C GLN A 39 -27.20 7.75 -2.12
N ARG A 40 -28.24 6.96 -1.91
CA ARG A 40 -28.50 6.35 -0.61
C ARG A 40 -27.26 5.65 -0.09
N ILE A 41 -26.75 4.71 -0.90
CA ILE A 41 -25.64 3.87 -0.48
C ILE A 41 -24.36 4.67 -0.23
N ILE A 42 -24.03 5.55 -1.16
CA ILE A 42 -22.95 6.49 -0.95
C ILE A 42 -23.10 7.07 0.43
N ASN A 43 -24.20 7.76 0.70
CA ASN A 43 -24.42 8.32 2.04
C ASN A 43 -24.05 7.33 3.16
N ALA A 44 -24.53 6.10 3.02
CA ALA A 44 -24.24 5.07 4.03
C ALA A 44 -22.74 4.88 4.23
N LEU A 45 -22.01 4.82 3.12
CA LEU A 45 -20.57 4.62 3.15
C LEU A 45 -19.86 5.82 3.73
N GLU A 46 -20.27 7.00 3.27
CA GLU A 46 -19.74 8.28 3.72
C GLU A 46 -19.84 8.38 5.24
N GLU A 47 -20.94 7.88 5.80
CA GLU A 47 -21.09 7.83 7.25
C GLU A 47 -19.95 7.03 7.91
N GLU A 48 -19.28 6.20 7.11
CA GLU A 48 -18.24 5.32 7.61
C GLU A 48 -16.84 5.73 7.15
N PHE A 49 -16.77 6.85 6.43
CA PHE A 49 -15.50 7.35 5.91
C PHE A 49 -14.88 6.42 4.89
N LEU A 50 -15.69 5.51 4.34
CA LEU A 50 -15.23 4.67 3.26
C LEU A 50 -15.28 5.47 1.96
N VAL A 51 -15.95 6.61 2.01
CA VAL A 51 -16.03 7.51 0.86
C VAL A 51 -16.06 8.98 1.31
N GLU A 52 -15.64 9.87 0.42
CA GLU A 52 -15.66 11.31 0.67
C GLU A 52 -16.22 12.01 -0.55
N ALA A 53 -16.73 13.22 -0.34
CA ALA A 53 -17.31 14.00 -1.42
C ALA A 53 -16.38 15.13 -1.80
N LEU A 54 -16.05 15.23 -3.09
CA LEU A 54 -15.16 16.29 -3.56
C LEU A 54 -15.91 17.61 -3.68
N GLY A 55 -16.50 18.06 -2.58
CA GLY A 55 -17.22 19.31 -2.55
C GLY A 55 -18.58 19.26 -3.22
N PRO A 56 -19.25 20.41 -3.32
CA PRO A 56 -20.55 20.54 -3.98
C PRO A 56 -20.43 20.13 -5.44
N ALA A 57 -19.20 19.89 -5.87
CA ALA A 57 -18.93 19.38 -7.21
C ALA A 57 -19.67 18.05 -7.42
N GLY A 58 -20.29 17.57 -6.35
CA GLY A 58 -21.08 16.36 -6.41
C GLY A 58 -20.24 15.15 -6.78
N GLY A 59 -18.92 15.33 -6.73
CA GLY A 59 -18.01 14.24 -6.98
C GLY A 59 -17.76 13.42 -5.73
N PHE A 60 -17.41 12.16 -5.91
CA PHE A 60 -17.06 11.29 -4.80
C PHE A 60 -15.77 10.53 -5.08
N ARG A 61 -15.07 10.14 -4.02
CA ARG A 61 -13.83 9.37 -4.16
C ARG A 61 -13.62 8.61 -2.85
N LEU A 62 -12.67 7.68 -2.82
CA LEU A 62 -12.49 6.84 -1.63
C LEU A 62 -12.12 7.68 -0.40
N GLY A 63 -12.23 7.07 0.78
CA GLY A 63 -12.07 7.81 2.02
C GLY A 63 -11.02 7.25 2.96
N PRO A 64 -10.89 7.87 4.15
CA PRO A 64 -9.86 7.56 5.15
C PRO A 64 -9.87 6.11 5.65
N ALA A 65 -10.99 5.66 6.18
CA ALA A 65 -11.08 4.32 6.78
C ALA A 65 -10.31 3.28 5.98
N LEU A 66 -10.43 3.37 4.65
CA LEU A 66 -9.72 2.46 3.76
C LEU A 66 -8.31 2.13 4.22
N GLY A 67 -7.47 3.16 4.31
CA GLY A 67 -6.10 2.98 4.77
C GLY A 67 -6.02 2.02 5.94
N GLN A 68 -6.71 2.37 7.02
CA GLN A 68 -6.58 1.63 8.27
C GLN A 68 -7.05 0.18 8.18
N LEU A 69 -7.89 -0.12 7.19
CA LEU A 69 -8.31 -1.50 6.92
C LEU A 69 -7.16 -2.28 6.30
N ILE A 70 -6.54 -1.69 5.28
CA ILE A 70 -5.55 -2.38 4.47
C ILE A 70 -4.14 -2.39 5.06
N ASN A 71 -3.70 -1.22 5.53
CA ASN A 71 -2.31 -1.04 5.94
C ASN A 71 -1.56 -2.21 6.55
N GLN A 72 -2.00 -2.66 7.72
CA GLN A 72 -1.33 -3.75 8.41
C GLN A 72 -1.24 -4.95 7.46
N ALA A 73 -2.38 -5.43 6.97
CA ALA A 73 -2.39 -6.57 6.08
C ALA A 73 -1.30 -6.42 5.02
N GLN A 74 -1.41 -5.36 4.22
CA GLN A 74 -0.39 -5.07 3.22
C GLN A 74 1.03 -5.09 3.77
N THR A 75 1.28 -4.32 4.83
CA THR A 75 2.65 -4.19 5.32
C THR A 75 3.17 -5.54 5.77
N ASP A 76 2.25 -6.49 5.97
CA ASP A 76 2.64 -7.86 6.32
C ASP A 76 3.00 -8.67 5.08
N ILE A 77 2.14 -8.67 4.06
CA ILE A 77 2.44 -9.45 2.86
C ILE A 77 3.83 -9.06 2.37
N LEU A 78 4.06 -7.77 2.21
CA LEU A 78 5.37 -7.26 1.84
C LEU A 78 6.46 -7.82 2.74
N SER A 79 6.30 -7.65 4.05
CA SER A 79 7.32 -8.08 5.00
C SER A 79 7.59 -9.58 4.87
N LEU A 80 6.58 -10.31 4.42
CA LEU A 80 6.70 -11.75 4.32
C LEU A 80 7.36 -12.13 3.01
N VAL A 81 7.11 -11.32 1.98
CA VAL A 81 7.63 -11.58 0.66
C VAL A 81 9.09 -11.14 0.50
N LYS A 82 9.48 -10.10 1.20
CA LYS A 82 10.82 -9.54 1.09
C LYS A 82 11.90 -10.61 0.99
N PRO A 83 11.94 -11.55 1.95
CA PRO A 83 12.97 -12.59 1.93
C PRO A 83 12.93 -13.38 0.63
N TYR A 84 11.74 -13.86 0.26
CA TYR A 84 11.56 -14.61 -0.98
C TYR A 84 12.13 -13.86 -2.18
N LEU A 85 12.18 -12.54 -2.09
CA LEU A 85 12.82 -11.76 -3.15
C LEU A 85 14.34 -11.95 -3.09
N ARG A 86 14.96 -11.58 -1.98
CA ARG A 86 16.41 -11.72 -1.83
C ARG A 86 16.84 -13.10 -2.31
N SER A 87 16.23 -14.14 -1.75
CA SER A 87 16.52 -15.49 -2.16
C SER A 87 16.60 -15.60 -3.67
N LEU A 88 15.49 -15.31 -4.34
CA LEU A 88 15.45 -15.38 -5.78
C LEU A 88 16.61 -14.58 -6.37
N ALA A 89 16.73 -13.33 -5.94
CA ALA A 89 17.77 -12.43 -6.43
C ALA A 89 19.15 -13.07 -6.39
N GLU A 90 19.44 -13.84 -5.34
CA GLU A 90 20.77 -14.37 -5.14
C GLU A 90 20.94 -15.72 -5.82
N GLU A 91 19.83 -16.35 -6.14
CA GLU A 91 19.86 -17.61 -6.88
C GLU A 91 20.22 -17.31 -8.33
N LEU A 92 19.73 -16.18 -8.83
CA LEU A 92 19.88 -15.83 -10.23
C LEU A 92 20.88 -14.71 -10.44
N ASP A 93 21.28 -14.06 -9.35
CA ASP A 93 22.16 -12.91 -9.43
C ASP A 93 21.65 -11.91 -10.45
N GLU A 94 20.35 -11.59 -10.36
CA GLU A 94 19.71 -10.61 -11.22
C GLU A 94 18.74 -9.81 -10.39
N SER A 95 18.46 -8.57 -10.80
CA SER A 95 17.54 -7.73 -10.06
C SER A 95 16.13 -8.30 -10.12
N VAL A 96 15.39 -8.16 -9.03
CA VAL A 96 13.99 -8.61 -9.01
C VAL A 96 13.07 -7.57 -8.40
N SER A 97 11.88 -7.44 -8.97
CA SER A 97 10.92 -6.46 -8.47
C SER A 97 9.57 -7.09 -8.14
N LEU A 98 8.94 -6.56 -7.10
CA LEU A 98 7.58 -6.91 -6.72
C LEU A 98 6.71 -5.70 -6.98
N ALA A 99 5.68 -5.88 -7.82
CA ALA A 99 4.82 -4.76 -8.21
C ALA A 99 3.32 -5.04 -8.13
N SER A 100 2.52 -3.98 -8.16
CA SER A 100 1.07 -4.13 -8.22
C SER A 100 0.54 -3.26 -9.37
N LEU A 101 -0.67 -3.55 -9.82
CA LEU A 101 -1.24 -2.79 -10.93
C LEU A 101 -2.01 -1.57 -10.42
N ALA A 102 -1.80 -0.44 -11.09
CA ALA A 102 -2.58 0.75 -10.81
C ALA A 102 -3.07 1.31 -12.13
N GLY A 103 -4.04 0.63 -12.72
CA GLY A 103 -4.62 1.05 -13.97
C GLY A 103 -3.80 0.58 -15.15
N ASP A 104 -3.21 1.53 -15.87
CA ASP A 104 -2.41 1.22 -17.05
C ASP A 104 -0.92 1.12 -16.69
N LYS A 105 -0.59 1.52 -15.47
CA LYS A 105 0.79 1.49 -15.01
C LYS A 105 0.94 0.52 -13.84
N ILE A 106 2.07 -0.18 -13.79
CA ILE A 106 2.39 -0.98 -12.61
C ILE A 106 3.12 -0.10 -11.62
N TYR A 107 3.16 -0.53 -10.37
CA TYR A 107 3.83 0.23 -9.33
C TYR A 107 4.76 -0.70 -8.55
N VAL A 108 6.04 -0.35 -8.52
CA VAL A 108 7.04 -1.17 -7.88
C VAL A 108 7.01 -1.01 -6.37
N LEU A 109 6.57 -2.06 -5.69
CA LEU A 109 6.47 -2.05 -4.24
C LEU A 109 7.81 -2.38 -3.62
N ASP A 110 8.59 -3.22 -4.29
CA ASP A 110 9.89 -3.59 -3.74
C ASP A 110 10.84 -4.10 -4.80
N ARG A 111 12.11 -4.22 -4.44
CA ARG A 111 13.14 -4.53 -5.43
C ARG A 111 14.50 -4.85 -4.80
N ILE A 112 15.19 -5.80 -5.39
CA ILE A 112 16.57 -6.11 -5.02
C ILE A 112 17.42 -5.93 -6.27
N VAL A 113 18.51 -5.18 -6.12
CA VAL A 113 19.38 -4.90 -7.26
C VAL A 113 20.56 -5.88 -7.34
N SER A 114 20.89 -6.31 -8.55
CA SER A 114 21.96 -7.27 -8.76
C SER A 114 23.33 -6.67 -8.40
N GLU A 115 24.20 -7.52 -7.86
CA GLU A 115 25.56 -7.10 -7.55
C GLU A 115 26.34 -6.80 -8.83
N ARG A 116 25.90 -7.39 -9.93
CA ARG A 116 26.67 -7.47 -11.17
C ARG A 116 27.22 -6.16 -11.73
N GLU A 117 28.21 -6.30 -12.61
CA GLU A 117 28.84 -5.17 -13.28
C GLU A 117 27.90 -4.56 -14.31
N LEU A 118 27.38 -5.39 -15.21
CA LEU A 118 26.31 -4.94 -16.10
C LEU A 118 24.99 -5.20 -15.38
N ARG A 119 24.44 -4.15 -14.78
CA ARG A 119 23.27 -4.31 -13.93
C ARG A 119 22.09 -3.45 -14.37
N VAL A 120 20.92 -3.81 -13.88
CA VAL A 120 19.74 -2.99 -14.11
C VAL A 120 19.32 -2.39 -12.79
N VAL A 121 19.16 -1.08 -12.76
CA VAL A 121 18.85 -0.40 -11.52
C VAL A 121 17.65 0.51 -11.66
N PHE A 122 16.69 0.33 -10.78
CA PHE A 122 15.54 1.22 -10.70
C PHE A 122 15.15 1.41 -9.24
N PRO A 123 14.42 2.49 -8.96
CA PRO A 123 14.05 2.80 -7.57
C PRO A 123 12.69 2.22 -7.22
N ILE A 124 12.51 1.85 -5.95
CA ILE A 124 11.19 1.50 -5.46
C ILE A 124 10.27 2.68 -5.68
N GLY A 125 8.99 2.43 -5.87
CA GLY A 125 8.01 3.50 -6.00
C GLY A 125 7.87 4.05 -7.40
N ILE A 126 8.51 3.41 -8.37
CA ILE A 126 8.50 3.88 -9.75
C ILE A 126 7.26 3.38 -10.50
N ASN A 127 6.82 4.16 -11.48
CA ASN A 127 5.74 3.74 -12.37
C ASN A 127 6.30 3.36 -13.73
N VAL A 128 5.52 2.60 -14.49
CA VAL A 128 5.90 2.21 -15.85
C VAL A 128 4.75 1.47 -16.51
N PRO A 129 4.37 1.91 -17.72
CA PRO A 129 3.22 1.37 -18.43
C PRO A 129 3.18 -0.15 -18.33
N ALA A 130 2.05 -0.69 -17.90
CA ALA A 130 1.93 -2.14 -17.70
C ALA A 130 2.09 -2.87 -19.01
N ALA A 131 1.69 -2.22 -20.10
CA ALA A 131 1.70 -2.84 -21.42
C ALA A 131 3.11 -3.16 -21.93
N ALA A 132 4.12 -2.62 -21.25
CA ALA A 132 5.49 -2.71 -21.72
C ALA A 132 6.36 -3.61 -20.84
N THR A 133 5.84 -4.04 -19.71
CA THR A 133 6.61 -4.84 -18.77
C THR A 133 6.08 -6.26 -18.66
N ALA A 134 6.95 -7.19 -18.29
CA ALA A 134 6.53 -8.55 -18.05
C ALA A 134 5.56 -8.56 -16.88
N ALA A 135 5.91 -7.83 -15.83
CA ALA A 135 5.05 -7.70 -14.67
C ALA A 135 3.66 -7.19 -15.06
N GLY A 136 3.66 -6.10 -15.83
CA GLY A 136 2.42 -5.51 -16.31
C GLY A 136 1.58 -6.49 -17.09
N LYS A 137 2.22 -7.28 -17.94
CA LYS A 137 1.51 -8.29 -18.74
C LYS A 137 0.90 -9.34 -17.84
N VAL A 138 1.69 -9.83 -16.89
CA VAL A 138 1.24 -10.87 -15.97
C VAL A 138 0.00 -10.40 -15.21
N LEU A 139 0.00 -9.14 -14.78
CA LEU A 139 -1.14 -8.60 -14.06
C LEU A 139 -2.34 -8.39 -14.99
N LEU A 140 -2.10 -7.76 -16.13
CA LEU A 140 -3.13 -7.49 -17.11
C LEU A 140 -3.87 -8.76 -17.52
N ALA A 141 -3.14 -9.87 -17.59
CA ALA A 141 -3.73 -11.15 -17.95
C ALA A 141 -4.82 -11.53 -16.96
N ALA A 142 -4.48 -11.45 -15.68
CA ALA A 142 -5.39 -11.86 -14.60
C ALA A 142 -6.63 -10.98 -14.52
N LEU A 143 -6.58 -9.82 -15.17
CA LEU A 143 -7.71 -8.91 -15.18
C LEU A 143 -8.92 -9.57 -15.83
N PRO A 144 -10.11 -9.38 -15.23
CA PRO A 144 -11.32 -9.84 -15.90
C PRO A 144 -11.39 -9.20 -17.28
N ASP A 145 -11.78 -9.96 -18.29
CA ASP A 145 -11.73 -9.47 -19.66
C ASP A 145 -12.54 -8.20 -19.90
N GLU A 146 -13.52 -7.96 -19.04
CA GLU A 146 -14.27 -6.72 -19.08
C GLU A 146 -13.36 -5.59 -18.67
N THR A 147 -12.77 -5.72 -17.49
CA THR A 147 -11.92 -4.68 -16.92
C THR A 147 -10.71 -4.43 -17.79
N LEU A 148 -10.15 -5.51 -18.35
CA LEU A 148 -8.96 -5.40 -19.18
C LEU A 148 -9.05 -4.20 -20.13
N GLN A 149 -10.18 -4.09 -20.82
CA GLN A 149 -10.37 -3.06 -21.83
C GLN A 149 -10.38 -1.64 -21.25
N ALA A 150 -10.22 -1.54 -19.93
CA ALA A 150 -10.06 -0.25 -19.29
C ALA A 150 -8.60 0.18 -19.37
N ALA A 151 -7.71 -0.69 -18.88
CA ALA A 151 -6.28 -0.43 -18.94
C ALA A 151 -5.85 -0.27 -20.39
N LEU A 152 -6.34 -1.16 -21.25
CA LEU A 152 -6.08 -1.07 -22.68
C LEU A 152 -6.99 -0.03 -23.31
N GLY A 153 -7.01 1.17 -22.74
CA GLY A 153 -7.82 2.26 -23.24
C GLY A 153 -7.37 2.76 -24.61
N GLU A 154 -8.11 2.39 -25.65
CA GLU A 154 -7.85 2.90 -27.00
C GLU A 154 -6.60 2.56 -27.83
N GLN A 155 -5.45 2.97 -27.32
CA GLN A 155 -4.17 2.81 -28.01
C GLN A 155 -3.05 2.98 -26.99
N LEU A 156 -2.08 2.06 -27.06
CA LEU A 156 -1.00 1.99 -26.07
C LEU A 156 0.11 3.01 -26.30
N PRO A 157 0.88 3.30 -25.24
CA PRO A 157 2.12 4.05 -25.43
C PRO A 157 3.11 3.13 -26.11
N VAL A 158 4.18 3.69 -26.67
CA VAL A 158 5.25 2.88 -27.23
C VAL A 158 6.60 3.39 -26.73
N LEU A 159 7.27 2.56 -25.93
CA LEU A 159 8.48 2.99 -25.25
C LEU A 159 9.74 2.73 -26.07
N THR A 160 9.71 1.66 -26.86
CA THR A 160 10.84 1.32 -27.72
C THR A 160 10.35 0.95 -29.11
N SER A 161 11.27 0.46 -29.93
CA SER A 161 10.93 0.01 -31.27
C SER A 161 10.38 -1.41 -31.20
N ASN A 162 10.14 -1.89 -29.98
CA ASN A 162 9.60 -3.24 -29.79
C ASN A 162 8.32 -3.27 -28.96
N THR A 163 8.03 -2.18 -28.26
CA THR A 163 6.80 -2.09 -27.47
C THR A 163 5.62 -2.60 -28.29
N LEU A 164 4.95 -3.63 -27.78
CA LEU A 164 3.82 -4.25 -28.49
C LEU A 164 2.69 -3.27 -28.77
N GLY A 165 1.81 -3.64 -29.70
CA GLY A 165 0.60 -2.89 -29.98
C GLY A 165 -0.61 -3.67 -29.47
N ARG A 166 -1.70 -2.96 -29.21
CA ARG A 166 -2.89 -3.58 -28.62
C ARG A 166 -3.18 -5.00 -29.12
N LYS A 167 -3.05 -5.20 -30.43
CA LYS A 167 -3.34 -6.50 -31.02
C LYS A 167 -2.41 -7.61 -30.51
N ALA A 168 -1.13 -7.50 -30.85
CA ALA A 168 -0.14 -8.48 -30.42
C ALA A 168 -0.13 -8.62 -28.90
N LEU A 169 -0.40 -7.51 -28.23
CA LEU A 169 -0.49 -7.52 -26.77
C LEU A 169 -1.60 -8.44 -26.26
N VAL A 170 -2.84 -8.19 -26.65
CA VAL A 170 -3.94 -9.05 -26.24
C VAL A 170 -3.67 -10.51 -26.62
N LYS A 171 -3.31 -10.71 -27.89
CA LYS A 171 -3.00 -12.05 -28.38
C LYS A 171 -2.06 -12.76 -27.41
N GLN A 172 -1.02 -12.05 -26.98
CA GLN A 172 0.00 -12.61 -26.09
C GLN A 172 -0.50 -12.80 -24.67
N LEU A 173 -1.41 -11.91 -24.25
CA LEU A 173 -2.04 -12.01 -22.96
C LEU A 173 -2.76 -13.33 -22.85
N SER A 174 -3.45 -13.71 -23.92
CA SER A 174 -4.10 -15.01 -23.95
C SER A 174 -3.08 -16.12 -23.67
N GLU A 175 -1.87 -15.96 -24.19
CA GLU A 175 -0.83 -16.97 -24.01
C GLU A 175 -0.31 -17.04 -22.57
N VAL A 176 0.09 -15.91 -22.01
CA VAL A 176 0.56 -15.88 -20.63
C VAL A 176 -0.53 -16.37 -19.70
N ARG A 177 -1.78 -16.11 -20.09
CA ARG A 177 -2.93 -16.35 -19.23
C ARG A 177 -3.13 -17.83 -18.89
N GLN A 178 -2.32 -18.70 -19.50
CA GLN A 178 -2.38 -20.12 -19.18
C GLN A 178 -0.99 -20.77 -19.25
N SER A 179 -0.03 -20.03 -19.80
CA SER A 179 1.36 -20.46 -19.73
C SER A 179 1.92 -20.13 -18.36
N GLY A 180 1.28 -19.16 -17.69
CA GLY A 180 1.63 -18.81 -16.33
C GLY A 180 2.55 -17.60 -16.19
N VAL A 181 3.49 -17.45 -17.11
CA VAL A 181 4.46 -16.37 -17.04
C VAL A 181 4.51 -15.50 -18.29
N ALA A 182 5.12 -14.33 -18.16
CA ALA A 182 5.23 -13.38 -19.28
C ALA A 182 6.66 -12.87 -19.41
N SER A 183 6.96 -12.25 -20.54
CA SER A 183 8.27 -11.62 -20.72
C SER A 183 8.19 -10.37 -21.58
N ASP A 184 9.23 -9.54 -21.51
CA ASP A 184 9.36 -8.41 -22.41
C ASP A 184 10.80 -8.29 -22.84
N LEU A 185 11.01 -8.12 -24.15
CA LEU A 185 12.35 -8.06 -24.70
C LEU A 185 12.58 -6.71 -25.37
N ASP A 186 13.25 -5.81 -24.64
CA ASP A 186 13.53 -4.47 -25.12
C ASP A 186 12.23 -3.76 -25.50
N GLU A 187 11.19 -3.98 -24.71
CA GLU A 187 9.89 -3.35 -24.97
C GLU A 187 9.68 -2.17 -24.06
N HIS A 188 10.54 -2.04 -23.06
CA HIS A 188 10.43 -0.97 -22.08
C HIS A 188 11.64 -0.03 -22.18
N ILE A 189 12.81 -0.60 -21.98
CA ILE A 189 14.07 0.10 -22.16
C ILE A 189 14.95 -0.75 -23.06
N ASP A 190 15.43 -0.18 -24.16
CA ASP A 190 16.23 -0.96 -25.09
C ASP A 190 17.46 -1.50 -24.38
N GLY A 191 17.67 -2.80 -24.46
CA GLY A 191 18.80 -3.43 -23.81
C GLY A 191 18.40 -4.16 -22.54
N VAL A 192 17.18 -3.88 -22.08
CA VAL A 192 16.66 -4.55 -20.90
C VAL A 192 15.54 -5.50 -21.26
N SER A 193 15.54 -6.66 -20.62
CA SER A 193 14.48 -7.65 -20.79
C SER A 193 14.02 -8.13 -19.42
N SER A 194 12.74 -8.48 -19.31
CA SER A 194 12.21 -8.95 -18.03
C SER A 194 11.33 -10.19 -18.14
N PHE A 195 11.24 -10.94 -17.05
CA PHE A 195 10.47 -12.16 -17.00
C PHE A 195 9.65 -12.23 -15.71
N ALA A 196 8.33 -12.24 -15.82
CA ALA A 196 7.48 -12.11 -14.65
C ALA A 196 6.48 -13.23 -14.51
N THR A 197 5.97 -13.39 -13.30
CA THR A 197 4.93 -14.36 -12.99
C THR A 197 3.94 -13.73 -12.02
N LEU A 198 2.72 -14.23 -12.04
CA LEU A 198 1.66 -13.71 -11.18
C LEU A 198 1.72 -14.28 -9.77
N LEU A 199 1.44 -13.44 -8.79
CA LEU A 199 1.24 -13.89 -7.41
C LEU A 199 -0.21 -13.65 -7.02
N ASP A 200 -0.93 -14.72 -6.71
CA ASP A 200 -2.32 -14.61 -6.30
C ASP A 200 -2.42 -14.67 -4.78
N THR A 201 -2.32 -13.51 -4.15
CA THR A 201 -2.37 -13.46 -2.70
C THR A 201 -3.80 -13.23 -2.22
N TYR A 202 -4.02 -13.48 -0.93
CA TYR A 202 -5.35 -13.31 -0.37
C TYR A 202 -5.73 -11.85 -0.36
N LEU A 203 -4.76 -10.99 -0.62
CA LEU A 203 -5.00 -9.54 -0.55
C LEU A 203 -5.11 -8.93 -1.94
N GLY A 204 -4.89 -9.75 -2.97
CA GLY A 204 -4.96 -9.29 -4.34
C GLY A 204 -3.86 -9.84 -5.24
N TYR A 205 -3.71 -9.26 -6.43
CA TYR A 205 -2.71 -9.74 -7.38
C TYR A 205 -1.41 -8.93 -7.36
N TYR A 206 -0.28 -9.64 -7.32
CA TYR A 206 1.02 -9.02 -7.42
C TYR A 206 1.81 -9.58 -8.59
N SER A 207 2.89 -8.89 -8.96
CA SER A 207 3.76 -9.37 -10.00
C SER A 207 5.16 -9.58 -9.43
N LEU A 208 5.71 -10.75 -9.66
CA LEU A 208 7.09 -11.05 -9.30
C LEU A 208 7.92 -11.10 -10.58
N ALA A 209 8.91 -10.21 -10.71
CA ALA A 209 9.64 -10.09 -11.97
C ALA A 209 11.15 -10.11 -11.82
N ILE A 210 11.81 -10.63 -12.85
CA ILE A 210 13.26 -10.54 -12.95
C ILE A 210 13.52 -9.51 -14.04
N VAL A 211 14.38 -8.54 -13.73
CA VAL A 211 14.74 -7.52 -14.70
C VAL A 211 16.25 -7.53 -14.95
N MET A 212 16.65 -7.73 -16.20
CA MET A 212 18.04 -8.03 -16.52
C MET A 212 18.40 -7.49 -17.89
N PRO A 213 19.71 -7.38 -18.18
CA PRO A 213 20.12 -6.95 -19.51
C PRO A 213 19.81 -8.04 -20.54
N SER A 214 19.22 -7.65 -21.68
CA SER A 214 18.89 -8.61 -22.73
C SER A 214 20.11 -9.44 -23.08
N SER A 215 21.24 -8.74 -23.15
CA SER A 215 22.55 -9.35 -23.31
C SER A 215 22.62 -10.69 -22.61
N ARG A 216 22.32 -10.66 -21.32
CA ARG A 216 22.48 -11.82 -20.46
C ARG A 216 21.22 -12.68 -20.45
N ALA A 217 20.13 -12.10 -20.94
CA ALA A 217 18.81 -12.75 -20.92
C ALA A 217 18.67 -13.84 -21.97
N SER A 218 19.06 -13.50 -23.19
CA SER A 218 18.92 -14.44 -24.30
C SER A 218 19.43 -15.83 -23.93
N LYS A 219 20.47 -15.86 -23.10
CA LYS A 219 21.10 -17.12 -22.73
C LYS A 219 20.33 -17.92 -21.68
N GLN A 220 19.82 -17.24 -20.65
CA GLN A 220 19.26 -17.95 -19.49
C GLN A 220 17.76 -17.77 -19.23
N SER A 221 17.01 -17.29 -20.22
CA SER A 221 15.56 -17.25 -20.11
C SER A 221 15.01 -18.52 -19.46
N ASP A 222 15.47 -19.67 -19.98
CA ASP A 222 15.03 -20.98 -19.48
C ASP A 222 15.07 -21.09 -17.96
N LEU A 223 16.25 -20.91 -17.37
CA LEU A 223 16.40 -21.06 -15.92
C LEU A 223 15.64 -19.97 -15.16
N ILE A 224 15.61 -18.77 -15.72
CA ILE A 224 14.86 -17.68 -15.11
C ILE A 224 13.40 -18.08 -14.87
N LYS A 225 12.69 -18.36 -15.97
CA LYS A 225 11.27 -18.67 -15.86
C LYS A 225 10.99 -19.75 -14.80
N LYS A 226 11.88 -20.75 -14.75
CA LYS A 226 11.74 -21.82 -13.77
C LYS A 226 11.87 -21.31 -12.34
N ALA A 227 12.94 -20.57 -12.07
CA ALA A 227 13.13 -20.07 -10.71
C ALA A 227 11.91 -19.23 -10.31
N LEU A 228 11.40 -18.45 -11.26
CA LEU A 228 10.20 -17.65 -11.02
C LEU A 228 9.03 -18.53 -10.59
N LEU A 229 8.76 -19.58 -11.36
CA LEU A 229 7.65 -20.47 -11.01
C LEU A 229 7.81 -21.11 -9.63
N GLN A 230 9.02 -21.59 -9.34
CA GLN A 230 9.29 -22.13 -8.02
C GLN A 230 8.98 -21.12 -6.91
N SER A 231 9.40 -19.88 -7.12
CA SER A 231 9.16 -18.84 -6.13
C SER A 231 7.66 -18.53 -5.99
N LYS A 232 6.94 -18.54 -7.11
CA LYS A 232 5.50 -18.34 -7.09
C LYS A 232 4.84 -19.41 -6.24
N LEU A 233 5.21 -20.66 -6.50
CA LEU A 233 4.66 -21.79 -5.74
C LEU A 233 4.94 -21.65 -4.25
N ASN A 234 6.17 -21.35 -3.88
CA ASN A 234 6.51 -21.12 -2.47
C ASN A 234 5.66 -20.02 -1.84
N ILE A 235 5.83 -18.81 -2.39
CA ILE A 235 5.15 -17.63 -1.89
C ILE A 235 3.65 -17.88 -1.73
N GLU A 236 3.00 -18.38 -2.77
CA GLU A 236 1.57 -18.68 -2.70
C GLU A 236 1.24 -19.74 -1.68
N ARG A 237 2.13 -20.73 -1.54
CA ARG A 237 1.94 -21.74 -0.52
C ARG A 237 1.83 -21.06 0.84
N ALA A 238 2.61 -20.00 1.02
CA ALA A 238 2.63 -19.32 2.31
C ALA A 238 1.68 -18.12 2.42
N ILE A 239 1.13 -17.66 1.30
CA ILE A 239 0.39 -16.40 1.30
C ILE A 239 -0.77 -16.34 0.30
N GLY A 240 -1.02 -17.46 -0.38
CA GLY A 240 -2.06 -17.52 -1.39
C GLY A 240 -3.47 -17.50 -0.84
N ARG A 241 -4.46 -17.73 -1.71
CA ARG A 241 -5.86 -17.64 -1.33
C ARG A 241 -6.62 -18.97 -1.46
N SER B 1 -28.99 6.31 9.42
CA SER B 1 -28.58 6.08 8.04
C SER B 1 -28.96 4.66 7.61
N ILE B 2 -28.01 3.90 7.08
CA ILE B 2 -28.23 2.46 6.88
C ILE B 2 -27.41 1.68 7.88
N GLN B 3 -28.08 0.82 8.63
CA GLN B 3 -27.42 0.14 9.72
C GLN B 3 -26.64 -1.08 9.25
N VAL B 4 -27.01 -1.69 8.12
CA VAL B 4 -26.32 -2.95 7.84
C VAL B 4 -24.95 -2.72 7.22
N ILE B 5 -24.88 -1.75 6.32
CA ILE B 5 -23.61 -1.35 5.76
C ILE B 5 -22.64 -0.97 6.87
N ALA B 6 -23.16 -0.30 7.89
CA ALA B 6 -22.35 0.08 9.04
C ALA B 6 -21.92 -1.13 9.85
N ARG B 7 -22.80 -2.13 9.94
CA ARG B 7 -22.42 -3.37 10.62
C ARG B 7 -21.25 -4.00 9.89
N ALA B 8 -21.42 -4.17 8.58
CA ALA B 8 -20.37 -4.71 7.71
C ALA B 8 -19.06 -3.98 7.95
N ALA B 9 -19.09 -2.66 7.74
CA ALA B 9 -17.93 -1.81 7.95
C ALA B 9 -17.26 -2.05 9.29
N SER B 10 -18.05 -2.11 10.35
CA SER B 10 -17.49 -2.39 11.67
C SER B 10 -16.74 -3.72 11.66
N ILE B 11 -17.29 -4.70 10.94
CA ILE B 11 -16.62 -5.99 10.84
C ILE B 11 -15.29 -5.88 10.10
N MET B 12 -15.30 -5.23 8.94
CA MET B 12 -14.06 -4.99 8.20
C MET B 12 -13.03 -4.35 9.13
N ARG B 13 -13.43 -3.26 9.77
CA ARG B 13 -12.58 -2.58 10.74
C ARG B 13 -11.97 -3.60 11.69
N ALA B 14 -12.80 -4.47 12.24
CA ALA B 14 -12.30 -5.48 13.17
C ALA B 14 -11.25 -6.38 12.54
N LEU B 15 -11.47 -6.78 11.30
CA LEU B 15 -10.56 -7.69 10.62
C LEU B 15 -9.22 -7.03 10.28
N GLY B 16 -9.27 -5.74 9.95
CA GLY B 16 -8.06 -5.00 9.61
C GLY B 16 -7.16 -4.79 10.81
N SER B 17 -7.72 -4.97 12.00
CA SER B 17 -6.97 -4.83 13.25
C SER B 17 -6.28 -6.13 13.63
N HIS B 18 -6.64 -7.21 12.94
CA HIS B 18 -6.10 -8.52 13.28
C HIS B 18 -5.77 -9.32 12.02
N PRO B 19 -4.67 -8.94 11.35
CA PRO B 19 -4.27 -9.45 10.03
C PRO B 19 -4.11 -10.96 9.99
N HIS B 20 -3.96 -11.58 11.15
CA HIS B 20 -3.76 -13.02 11.20
C HIS B 20 -5.09 -13.78 11.12
N GLY B 21 -6.16 -13.12 11.52
CA GLY B 21 -7.50 -13.71 11.42
C GLY B 21 -8.30 -13.63 12.71
N LEU B 22 -9.62 -13.78 12.58
CA LEU B 22 -10.50 -13.81 13.73
C LEU B 22 -11.47 -14.99 13.62
N SER B 23 -11.82 -15.57 14.76
CA SER B 23 -12.89 -16.57 14.82
C SER B 23 -14.22 -15.84 14.77
N LEU B 24 -15.19 -16.40 14.04
CA LEU B 24 -16.52 -15.81 13.98
C LEU B 24 -16.91 -15.32 15.37
N ALA B 25 -16.63 -16.13 16.39
CA ALA B 25 -16.84 -15.74 17.78
C ALA B 25 -16.20 -14.40 18.07
N ALA B 26 -14.87 -14.34 17.99
CA ALA B 26 -14.12 -13.14 18.34
C ALA B 26 -14.62 -11.91 17.58
N ILE B 27 -14.96 -12.08 16.31
CA ILE B 27 -15.51 -10.98 15.54
C ILE B 27 -16.80 -10.53 16.21
N ALA B 28 -17.65 -11.50 16.51
CA ALA B 28 -18.95 -11.24 17.10
C ALA B 28 -18.81 -10.46 18.40
N GLN B 29 -17.77 -10.78 19.17
CA GLN B 29 -17.55 -10.14 20.44
C GLN B 29 -17.03 -8.70 20.27
N LEU B 30 -16.01 -8.54 19.44
CA LEU B 30 -15.44 -7.21 19.21
C LEU B 30 -16.50 -6.22 18.81
N VAL B 31 -17.10 -6.44 17.64
CA VAL B 31 -18.27 -5.68 17.25
C VAL B 31 -19.39 -6.06 18.20
N GLY B 32 -20.36 -5.16 18.38
CA GLY B 32 -21.44 -5.41 19.34
C GLY B 32 -22.62 -6.16 18.75
N LEU B 33 -22.33 -7.26 18.05
CA LEU B 33 -23.35 -8.01 17.33
C LEU B 33 -23.30 -9.51 17.64
N PRO B 34 -24.44 -10.20 17.43
CA PRO B 34 -24.61 -11.64 17.69
C PRO B 34 -23.90 -12.48 16.62
N ARG B 35 -23.23 -13.54 17.08
CA ARG B 35 -22.54 -14.48 16.22
C ARG B 35 -23.32 -14.78 14.94
N SER B 36 -24.63 -14.88 15.06
CA SER B 36 -25.50 -15.17 13.92
C SER B 36 -25.48 -14.10 12.85
N THR B 37 -26.02 -12.92 13.17
CA THR B 37 -26.13 -11.87 12.16
C THR B 37 -24.76 -11.54 11.58
N VAL B 38 -23.72 -11.69 12.41
CA VAL B 38 -22.35 -11.55 11.96
C VAL B 38 -22.07 -12.56 10.87
N GLN B 39 -22.22 -13.83 11.19
CA GLN B 39 -22.10 -14.89 10.18
C GLN B 39 -22.77 -14.46 8.87
N ARG B 40 -24.00 -13.96 8.97
CA ARG B 40 -24.75 -13.50 7.81
C ARG B 40 -23.92 -12.50 7.00
N ILE B 41 -23.49 -11.44 7.68
CA ILE B 41 -22.77 -10.36 7.01
C ILE B 41 -21.44 -10.81 6.42
N ILE B 42 -20.67 -11.56 7.20
CA ILE B 42 -19.48 -12.18 6.68
C ILE B 42 -19.82 -12.83 5.36
N ASN B 43 -20.74 -13.79 5.36
CA ASN B 43 -21.16 -14.42 4.11
C ASN B 43 -21.37 -13.41 2.97
N ALA B 44 -22.08 -12.33 3.27
CA ALA B 44 -22.34 -11.30 2.26
C ALA B 44 -21.05 -10.74 1.68
N LEU B 45 -20.09 -10.48 2.56
CA LEU B 45 -18.81 -9.90 2.17
C LEU B 45 -18.01 -10.90 1.37
N GLU B 46 -17.95 -12.12 1.88
CA GLU B 46 -17.26 -13.24 1.25
C GLU B 46 -17.73 -13.43 -0.19
N GLU B 47 -19.02 -13.23 -0.43
CA GLU B 47 -19.55 -13.28 -1.79
C GLU B 47 -18.87 -12.23 -2.68
N GLU B 48 -18.26 -11.22 -2.05
CA GLU B 48 -17.65 -10.12 -2.78
C GLU B 48 -16.12 -10.14 -2.71
N PHE B 49 -15.57 -11.17 -2.10
CA PHE B 49 -14.12 -11.30 -1.95
C PHE B 49 -13.51 -10.22 -1.08
N LEU B 50 -14.35 -9.53 -0.32
CA LEU B 50 -13.85 -8.57 0.65
C LEU B 50 -13.37 -9.32 1.88
N VAL B 51 -13.70 -10.61 1.96
CA VAL B 51 -13.24 -11.46 3.05
C VAL B 51 -13.01 -12.89 2.56
N GLU B 52 -12.14 -13.61 3.27
CA GLU B 52 -11.86 -15.01 2.99
C GLU B 52 -11.89 -15.80 4.30
N ALA B 53 -12.14 -17.11 4.19
CA ALA B 53 -12.19 -17.97 5.36
C ALA B 53 -10.92 -18.80 5.43
N LEU B 54 -10.25 -18.76 6.57
CA LEU B 54 -9.03 -19.53 6.76
C LEU B 54 -9.35 -21.01 7.03
N GLY B 55 -10.09 -21.63 6.11
CA GLY B 55 -10.44 -23.03 6.22
C GLY B 55 -11.55 -23.30 7.21
N PRO B 56 -11.88 -24.59 7.43
CA PRO B 56 -12.88 -25.02 8.41
C PRO B 56 -12.47 -24.55 9.79
N ALA B 57 -11.26 -24.01 9.90
CA ALA B 57 -10.78 -23.40 11.14
C ALA B 57 -11.75 -22.31 11.59
N GLY B 58 -12.74 -22.04 10.75
CA GLY B 58 -13.77 -21.06 11.05
C GLY B 58 -13.19 -19.67 11.24
N GLY B 59 -11.93 -19.51 10.83
CA GLY B 59 -11.29 -18.21 10.88
C GLY B 59 -11.62 -17.39 9.65
N PHE B 60 -11.55 -16.08 9.77
CA PHE B 60 -11.74 -15.18 8.64
C PHE B 60 -10.66 -14.11 8.61
N ARG B 61 -10.37 -13.60 7.41
CA ARG B 61 -9.39 -12.53 7.25
C ARG B 61 -9.74 -11.77 5.97
N LEU B 62 -9.11 -10.63 5.72
CA LEU B 62 -9.46 -9.81 4.57
C LEU B 62 -9.24 -10.56 3.25
N GLY B 63 -9.79 -10.04 2.16
CA GLY B 63 -9.77 -10.76 0.89
C GLY B 63 -9.19 -9.99 -0.27
N PRO B 64 -9.22 -10.59 -1.47
CA PRO B 64 -8.63 -10.05 -2.70
C PRO B 64 -9.14 -8.67 -3.11
N ALA B 65 -10.45 -8.54 -3.33
CA ALA B 65 -11.02 -7.29 -3.83
C ALA B 65 -10.36 -6.06 -3.21
N LEU B 66 -10.09 -6.14 -1.91
CA LEU B 66 -9.45 -5.03 -1.20
C LEU B 66 -8.35 -4.37 -2.01
N GLY B 67 -7.32 -5.14 -2.36
CA GLY B 67 -6.22 -4.64 -3.15
C GLY B 67 -6.69 -3.73 -4.26
N GLN B 68 -7.53 -4.27 -5.13
CA GLN B 68 -7.94 -3.58 -6.35
C GLN B 68 -8.71 -2.29 -6.08
N LEU B 69 -9.31 -2.18 -4.89
CA LEU B 69 -9.97 -0.96 -4.47
C LEU B 69 -8.95 0.12 -4.15
N ILE B 70 -7.96 -0.26 -3.36
CA ILE B 70 -7.00 0.68 -2.80
C ILE B 70 -5.81 1.03 -3.69
N ASN B 71 -5.29 0.02 -4.40
CA ASN B 71 -4.03 0.18 -5.13
C ASN B 71 -3.84 1.52 -5.85
N GLN B 72 -4.61 1.75 -6.88
CA GLN B 72 -4.49 2.98 -7.66
C GLN B 72 -4.45 4.20 -6.73
N ALA B 73 -5.51 4.38 -5.94
CA ALA B 73 -5.56 5.51 -5.02
C ALA B 73 -4.23 5.67 -4.31
N GLN B 74 -3.83 4.64 -3.56
CA GLN B 74 -2.56 4.66 -2.86
C GLN B 74 -1.39 5.04 -3.77
N THR B 75 -1.24 4.31 -4.87
CA THR B 75 -0.07 4.52 -5.72
C THR B 75 -0.05 5.96 -6.23
N ASP B 76 -1.20 6.63 -6.14
CA ASP B 76 -1.27 8.02 -6.53
C ASP B 76 -0.83 8.95 -5.41
N ILE B 77 -1.36 8.77 -4.20
CA ILE B 77 -0.97 9.62 -3.10
C ILE B 77 0.56 9.63 -3.00
N LEU B 78 1.14 8.44 -2.97
CA LEU B 78 2.59 8.30 -2.96
C LEU B 78 3.21 9.10 -4.09
N SER B 79 2.76 8.85 -5.31
CA SER B 79 3.34 9.49 -6.48
C SER B 79 3.25 11.01 -6.38
N LEU B 80 2.25 11.48 -5.65
CA LEU B 80 2.02 12.90 -5.53
C LEU B 80 2.89 13.48 -4.42
N VAL B 81 3.14 12.65 -3.39
CA VAL B 81 3.91 13.09 -2.24
C VAL B 81 5.41 13.05 -2.50
N LYS B 82 5.85 12.11 -3.32
CA LYS B 82 7.28 11.92 -3.58
C LYS B 82 8.04 13.25 -3.73
N PRO B 83 7.57 14.14 -4.62
CA PRO B 83 8.27 15.40 -4.84
C PRO B 83 8.38 16.21 -3.55
N TYR B 84 7.25 16.38 -2.87
CA TYR B 84 7.21 17.09 -1.60
C TYR B 84 8.24 16.55 -0.62
N LEU B 85 8.60 15.29 -0.76
CA LEU B 85 9.68 14.72 0.05
C LEU B 85 11.02 15.30 -0.39
N ARG B 86 11.40 15.07 -1.64
CA ARG B 86 12.67 15.57 -2.15
C ARG B 86 12.86 17.03 -1.75
N SER B 87 11.88 17.86 -2.10
CA SER B 87 11.90 19.26 -1.73
C SER B 87 12.36 19.42 -0.30
N LEU B 88 11.57 18.88 0.62
CA LEU B 88 11.89 18.98 2.04
C LEU B 88 13.34 18.53 2.26
N ALA B 89 13.66 17.34 1.77
CA ALA B 89 14.98 16.76 1.95
C ALA B 89 16.09 17.72 1.57
N GLU B 90 15.87 18.50 0.51
CA GLU B 90 16.92 19.36 -0.02
C GLU B 90 16.92 20.72 0.65
N GLU B 91 15.80 21.08 1.27
CA GLU B 91 15.72 22.31 2.03
C GLU B 91 16.50 22.16 3.32
N LEU B 92 16.46 20.96 3.88
CA LEU B 92 17.07 20.70 5.18
C LEU B 92 18.36 19.90 5.07
N ASP B 93 18.59 19.32 3.89
CA ASP B 93 19.73 18.44 3.69
C ASP B 93 19.78 17.38 4.78
N GLU B 94 18.64 16.73 5.02
CA GLU B 94 18.52 15.64 5.99
C GLU B 94 17.62 14.59 5.40
N SER B 95 17.78 13.34 5.83
CA SER B 95 16.93 12.26 5.33
C SER B 95 15.49 12.45 5.78
N VAL B 96 14.54 12.10 4.91
CA VAL B 96 13.13 12.18 5.28
C VAL B 96 12.36 10.90 4.90
N SER B 97 11.44 10.49 5.76
CA SER B 97 10.67 9.28 5.51
C SER B 97 9.17 9.52 5.56
N LEU B 98 8.45 8.81 4.71
CA LEU B 98 7.00 8.81 4.72
C LEU B 98 6.57 7.42 5.13
N ALA B 99 5.80 7.35 6.22
CA ALA B 99 5.39 6.06 6.79
C ALA B 99 3.90 5.94 7.13
N SER B 100 3.44 4.71 7.31
CA SER B 100 2.07 4.48 7.75
C SER B 100 2.08 3.54 8.95
N LEU B 101 1.01 3.52 9.71
CA LEU B 101 0.96 2.67 10.91
C LEU B 101 0.43 1.30 10.60
N ALA B 102 1.09 0.28 11.12
CA ALA B 102 0.60 -1.09 11.02
C ALA B 102 0.64 -1.71 12.40
N GLY B 103 -0.28 -1.27 13.25
CA GLY B 103 -0.38 -1.79 14.60
C GLY B 103 0.57 -1.09 15.55
N ASP B 104 1.56 -1.83 16.04
CA ASP B 104 2.54 -1.29 16.98
C ASP B 104 3.79 -0.82 16.24
N LYS B 105 3.88 -1.16 14.96
CA LYS B 105 5.04 -0.81 14.15
C LYS B 105 4.63 0.13 13.02
N ILE B 106 5.48 1.10 12.70
CA ILE B 106 5.27 1.93 11.52
C ILE B 106 5.91 1.24 10.34
N TYR B 107 5.50 1.62 9.13
CA TYR B 107 6.05 1.02 7.93
C TYR B 107 6.47 2.12 6.97
N VAL B 108 7.73 2.11 6.58
CA VAL B 108 8.29 3.15 5.74
C VAL B 108 7.90 2.95 4.29
N LEU B 109 7.03 3.82 3.79
CA LEU B 109 6.57 3.75 2.41
C LEU B 109 7.56 4.40 1.47
N ASP B 110 8.24 5.44 1.95
CA ASP B 110 9.21 6.09 1.08
C ASP B 110 10.25 6.87 1.87
N ARG B 111 11.32 7.29 1.19
CA ARG B 111 12.43 7.89 1.89
C ARG B 111 13.45 8.54 0.95
N ILE B 112 14.01 9.67 1.37
CA ILE B 112 15.11 10.29 0.67
C ILE B 112 16.28 10.39 1.63
N VAL B 113 17.45 9.94 1.19
CA VAL B 113 18.63 9.93 2.05
C VAL B 113 19.48 11.18 1.85
N SER B 114 19.99 11.73 2.94
CA SER B 114 20.82 12.93 2.88
C SER B 114 22.14 12.70 2.15
N GLU B 115 22.60 13.72 1.44
CA GLU B 115 23.88 13.67 0.76
C GLU B 115 25.03 13.63 1.77
N ARG B 116 24.76 14.12 2.98
CA ARG B 116 25.78 14.43 3.98
C ARG B 116 26.77 13.31 4.33
N GLU B 117 27.89 13.74 4.91
CA GLU B 117 28.94 12.83 5.36
C GLU B 117 28.48 12.04 6.57
N LEU B 118 28.03 12.73 7.61
CA LEU B 118 27.38 12.07 8.73
C LEU B 118 25.90 11.94 8.39
N ARG B 119 25.50 10.76 7.91
CA ARG B 119 24.15 10.58 7.42
C ARG B 119 23.39 9.47 8.13
N VAL B 120 22.08 9.49 8.00
CA VAL B 120 21.26 8.40 8.48
C VAL B 120 20.67 7.68 7.29
N VAL B 121 20.86 6.36 7.24
CA VAL B 121 20.42 5.58 6.09
C VAL B 121 19.58 4.40 6.52
N PHE B 122 18.39 4.30 5.93
CA PHE B 122 17.53 3.14 6.13
C PHE B 122 16.85 2.80 4.82
N PRO B 123 16.38 1.56 4.68
CA PRO B 123 15.75 1.14 3.44
C PRO B 123 14.23 1.32 3.48
N ILE B 124 13.64 1.59 2.33
CA ILE B 124 12.19 1.59 2.20
C ILE B 124 11.69 0.20 2.60
N GLY B 125 10.48 0.12 3.14
CA GLY B 125 9.88 -1.16 3.49
C GLY B 125 10.27 -1.69 4.86
N ILE B 126 10.95 -0.87 5.65
CA ILE B 126 11.43 -1.28 6.96
C ILE B 126 10.35 -1.10 8.03
N ASN B 127 10.40 -1.94 9.06
CA ASN B 127 9.53 -1.78 10.22
C ASN B 127 10.32 -1.21 11.40
N VAL B 128 9.59 -0.66 12.37
CA VAL B 128 10.21 -0.15 13.59
C VAL B 128 9.12 0.29 14.56
N PRO B 129 9.20 -0.18 15.80
CA PRO B 129 8.18 0.06 16.81
C PRO B 129 7.72 1.51 16.79
N ALA B 130 6.41 1.73 16.69
CA ALA B 130 5.89 3.09 16.59
C ALA B 130 6.20 3.88 17.85
N ALA B 131 6.29 3.18 18.97
CA ALA B 131 6.49 3.83 20.27
C ALA B 131 7.85 4.50 20.39
N ALA B 132 8.73 4.22 19.45
CA ALA B 132 10.11 4.69 19.55
C ALA B 132 10.45 5.75 18.51
N THR B 133 9.55 5.99 17.57
CA THR B 133 9.81 6.94 16.50
C THR B 133 8.92 8.18 16.59
N ALA B 134 9.41 9.29 16.05
CA ALA B 134 8.60 10.48 15.97
C ALA B 134 7.38 10.19 15.11
N ALA B 135 7.61 9.54 13.97
CA ALA B 135 6.53 9.16 13.06
C ALA B 135 5.49 8.32 13.79
N GLY B 136 5.97 7.29 14.49
CA GLY B 136 5.10 6.41 15.26
C GLY B 136 4.27 7.17 16.27
N LYS B 137 4.88 8.13 16.95
CA LYS B 137 4.17 8.94 17.93
C LYS B 137 3.09 9.78 17.27
N VAL B 138 3.45 10.43 16.17
CA VAL B 138 2.53 11.29 15.45
C VAL B 138 1.30 10.49 15.02
N LEU B 139 1.52 9.25 14.56
CA LEU B 139 0.39 8.42 14.15
C LEU B 139 -0.42 7.94 15.34
N LEU B 140 0.27 7.43 16.35
CA LEU B 140 -0.36 6.94 17.57
C LEU B 140 -1.27 7.99 18.20
N ALA B 141 -0.84 9.25 18.14
CA ALA B 141 -1.63 10.35 18.67
C ALA B 141 -3.00 10.39 18.02
N ALA B 142 -3.01 10.37 16.68
CA ALA B 142 -4.24 10.50 15.91
C ALA B 142 -5.20 9.32 16.11
N LEU B 143 -4.68 8.23 16.68
CA LEU B 143 -5.49 7.06 16.97
C LEU B 143 -6.61 7.41 17.93
N PRO B 144 -7.83 6.89 17.66
CA PRO B 144 -8.89 7.05 18.64
C PRO B 144 -8.42 6.45 19.97
N ASP B 145 -8.71 7.12 21.08
CA ASP B 145 -8.17 6.70 22.36
C ASP B 145 -8.56 5.28 22.76
N GLU B 146 -9.64 4.78 22.17
CA GLU B 146 -10.01 3.39 22.37
C GLU B 146 -8.96 2.51 21.69
N THR B 147 -8.76 2.76 20.40
CA THR B 147 -7.86 1.96 19.58
C THR B 147 -6.43 2.06 20.08
N LEU B 148 -6.04 3.26 20.52
CA LEU B 148 -4.70 3.48 21.01
C LEU B 148 -4.23 2.33 21.89
N GLN B 149 -5.06 1.95 22.85
CA GLN B 149 -4.70 0.93 23.84
C GLN B 149 -4.50 -0.45 23.24
N ALA B 150 -4.68 -0.55 21.93
CA ALA B 150 -4.37 -1.78 21.21
C ALA B 150 -2.87 -1.81 20.89
N ALA B 151 -2.40 -0.76 20.20
CA ALA B 151 -0.99 -0.64 19.89
C ALA B 151 -0.16 -0.63 21.17
N LEU B 152 -0.61 0.13 22.16
CA LEU B 152 0.03 0.15 23.46
C LEU B 152 -0.43 -1.07 24.25
N GLY B 153 -0.23 -2.25 23.66
CA GLY B 153 -0.59 -3.51 24.28
C GLY B 153 0.29 -3.75 25.49
N GLU B 154 -0.25 -3.41 26.66
CA GLU B 154 0.46 -3.54 27.92
C GLU B 154 1.79 -2.79 27.79
N GLN B 155 2.89 -3.55 27.84
CA GLN B 155 4.21 -2.94 27.96
C GLN B 155 5.01 -2.84 26.66
N LEU B 156 5.71 -1.71 26.50
CA LEU B 156 6.42 -1.39 25.27
C LEU B 156 7.77 -2.08 25.17
N PRO B 157 8.29 -2.21 23.94
CA PRO B 157 9.69 -2.60 23.77
C PRO B 157 10.55 -1.42 24.19
N VAL B 158 11.83 -1.67 24.42
CA VAL B 158 12.77 -0.59 24.71
C VAL B 158 14.02 -0.76 23.86
N LEU B 159 14.22 0.18 22.94
CA LEU B 159 15.28 0.06 21.95
C LEU B 159 16.60 0.67 22.43
N THR B 160 16.52 1.73 23.23
CA THR B 160 17.70 2.37 23.77
C THR B 160 17.51 2.64 25.25
N SER B 161 18.46 3.39 25.82
CA SER B 161 18.37 3.77 27.22
C SER B 161 17.48 5.00 27.36
N ASN B 162 16.82 5.37 26.27
CA ASN B 162 15.92 6.52 26.28
C ASN B 162 14.50 6.19 25.82
N THR B 163 14.33 5.04 25.18
CA THR B 163 13.01 4.61 24.73
C THR B 163 11.98 4.82 25.84
N LEU B 164 10.95 5.63 25.56
CA LEU B 164 9.94 5.95 26.56
C LEU B 164 9.22 4.72 27.10
N GLY B 165 8.54 4.89 28.24
CA GLY B 165 7.68 3.88 28.80
C GLY B 165 6.23 4.29 28.67
N ARG B 166 5.33 3.32 28.67
CA ARG B 166 3.90 3.58 28.44
C ARG B 166 3.42 4.89 29.04
N LYS B 167 3.82 5.17 30.28
CA LYS B 167 3.38 6.37 30.99
C LYS B 167 3.82 7.66 30.29
N ALA B 168 5.12 7.89 30.27
CA ALA B 168 5.68 9.08 29.65
C ALA B 168 5.23 9.17 28.19
N LEU B 169 5.09 8.00 27.57
CA LEU B 169 4.63 7.93 26.18
C LEU B 169 3.24 8.54 26.02
N VAL B 170 2.25 7.99 26.72
CA VAL B 170 0.90 8.53 26.62
C VAL B 170 0.86 10.01 26.99
N LYS B 171 1.49 10.34 28.12
CA LYS B 171 1.57 11.73 28.56
C LYS B 171 2.01 12.63 27.41
N GLN B 172 3.05 12.19 26.69
CA GLN B 172 3.61 12.97 25.59
C GLN B 172 2.70 12.98 24.37
N LEU B 173 1.98 11.88 24.17
CA LEU B 173 1.03 11.76 23.10
C LEU B 173 0.00 12.86 23.23
N SER B 174 -0.46 13.08 24.46
CA SER B 174 -1.39 14.17 24.71
C SER B 174 -0.80 15.49 24.22
N GLU B 175 0.50 15.66 24.38
CA GLU B 175 1.18 16.90 23.97
C GLU B 175 1.23 17.05 22.45
N VAL B 176 1.75 16.05 21.77
CA VAL B 176 1.85 16.10 20.31
C VAL B 176 0.45 16.26 19.71
N ARG B 177 -0.54 15.70 20.40
CA ARG B 177 -1.89 15.61 19.88
C ARG B 177 -2.55 16.97 19.68
N GLN B 178 -1.86 18.04 20.10
CA GLN B 178 -2.36 19.38 19.84
C GLN B 178 -1.22 20.37 19.57
N SER B 179 0.01 19.93 19.81
CA SER B 179 1.18 20.70 19.40
C SER B 179 1.42 20.47 17.91
N GLY B 180 0.89 19.36 17.40
CA GLY B 180 0.95 19.06 15.98
C GLY B 180 2.07 18.12 15.56
N VAL B 181 3.24 18.27 16.19
CA VAL B 181 4.39 17.45 15.82
C VAL B 181 4.98 16.67 17.00
N ALA B 182 5.82 15.69 16.68
CA ALA B 182 6.46 14.86 17.69
C ALA B 182 7.96 14.73 17.42
N SER B 183 8.70 14.24 18.39
CA SER B 183 10.12 13.98 18.19
C SER B 183 10.61 12.78 18.99
N ASP B 184 11.76 12.25 18.62
CA ASP B 184 12.41 11.21 19.41
C ASP B 184 13.90 11.47 19.45
N LEU B 185 14.47 11.41 20.65
CA LEU B 185 15.88 11.71 20.84
C LEU B 185 16.63 10.49 21.36
N ASP B 186 17.29 9.77 20.45
CA ASP B 186 18.02 8.56 20.79
C ASP B 186 17.09 7.55 21.46
N GLU B 187 15.86 7.48 20.98
CA GLU B 187 14.89 6.55 21.55
C GLU B 187 14.76 5.31 20.67
N HIS B 188 15.33 5.39 19.48
CA HIS B 188 15.23 4.29 18.53
C HIS B 188 16.61 3.71 18.27
N ILE B 189 17.51 4.55 17.79
CA ILE B 189 18.92 4.20 17.61
C ILE B 189 19.74 5.28 18.29
N ASP B 190 20.62 4.89 19.21
CA ASP B 190 21.41 5.88 19.91
C ASP B 190 22.24 6.70 18.91
N GLY B 191 22.12 8.01 18.99
CA GLY B 191 22.84 8.89 18.09
C GLY B 191 21.94 9.43 17.00
N VAL B 192 20.76 8.85 16.86
CA VAL B 192 19.80 9.32 15.88
C VAL B 192 18.60 9.96 16.58
N SER B 193 18.12 11.06 16.01
CA SER B 193 16.94 11.75 16.49
C SER B 193 16.03 12.06 15.30
N SER B 194 14.73 12.06 15.53
CA SER B 194 13.77 12.34 14.46
C SER B 194 12.67 13.32 14.87
N PHE B 195 12.10 13.96 13.86
CA PHE B 195 11.05 14.96 14.05
C PHE B 195 9.95 14.75 13.03
N ALA B 196 8.75 14.41 13.49
CA ALA B 196 7.67 14.04 12.57
C ALA B 196 6.40 14.87 12.74
N THR B 197 5.58 14.85 11.71
CA THR B 197 4.28 15.51 11.72
C THR B 197 3.27 14.61 11.02
N LEU B 198 2.01 14.78 11.40
CA LEU B 198 0.93 13.98 10.82
C LEU B 198 0.48 14.52 9.48
N LEU B 199 0.18 13.60 8.56
CA LEU B 199 -0.50 13.92 7.32
C LEU B 199 -1.89 13.31 7.30
N ASP B 200 -2.92 14.15 7.22
CA ASP B 200 -4.29 13.67 7.20
C ASP B 200 -4.79 13.63 5.78
N THR B 201 -4.56 12.53 5.08
CA THR B 201 -4.99 12.43 3.70
C THR B 201 -6.38 11.82 3.61
N TYR B 202 -6.98 11.95 2.43
CA TYR B 202 -8.33 11.45 2.24
C TYR B 202 -8.33 9.93 2.27
N LEU B 203 -7.13 9.35 2.23
CA LEU B 203 -7.00 7.90 2.17
C LEU B 203 -6.58 7.33 3.52
N GLY B 204 -6.30 8.21 4.49
CA GLY B 204 -5.89 7.78 5.81
C GLY B 204 -4.79 8.63 6.40
N TYR B 205 -4.18 8.16 7.49
CA TYR B 205 -3.12 8.91 8.16
C TYR B 205 -1.71 8.46 7.76
N TYR B 206 -0.85 9.44 7.46
CA TYR B 206 0.55 9.17 7.18
C TYR B 206 1.44 9.96 8.13
N SER B 207 2.72 9.59 8.18
CA SER B 207 3.69 10.30 8.97
C SER B 207 4.78 10.84 8.06
N LEU B 208 5.08 12.12 8.20
CA LEU B 208 6.18 12.75 7.48
C LEU B 208 7.27 13.05 8.50
N ALA B 209 8.44 12.45 8.33
CA ALA B 209 9.49 12.57 9.35
C ALA B 209 10.84 12.97 8.81
N ILE B 210 11.59 13.70 9.63
CA ILE B 210 12.99 13.98 9.37
C ILE B 210 13.79 13.08 10.29
N VAL B 211 14.75 12.36 9.74
CA VAL B 211 15.61 11.50 10.55
C VAL B 211 17.06 11.91 10.38
N MET B 212 17.71 12.26 11.49
CA MET B 212 19.01 12.90 11.44
C MET B 212 19.86 12.53 12.64
N PRO B 213 21.18 12.77 12.57
CA PRO B 213 22.02 12.51 13.73
C PRO B 213 21.73 13.50 14.85
N SER B 214 21.55 13.01 16.07
CA SER B 214 21.27 13.89 17.21
C SER B 214 22.31 15.02 17.24
N SER B 215 23.56 14.62 17.01
CA SER B 215 24.67 15.55 16.85
C SER B 215 24.21 16.85 16.21
N ARG B 216 23.60 16.71 15.04
CA ARG B 216 23.23 17.83 14.21
C ARG B 216 21.83 18.33 14.57
N ALA B 217 21.09 17.50 15.32
CA ALA B 217 19.70 17.78 15.66
C ALA B 217 19.55 18.83 16.75
N SER B 218 20.32 18.65 17.82
CA SER B 218 20.25 19.55 18.96
C SER B 218 20.27 21.01 18.51
N LYS B 219 21.01 21.29 17.44
CA LYS B 219 21.18 22.65 16.96
C LYS B 219 19.98 23.19 16.19
N GLN B 220 19.40 22.37 15.31
CA GLN B 220 18.40 22.88 14.36
C GLN B 220 16.98 22.31 14.49
N SER B 221 16.68 21.68 15.62
CA SER B 221 15.30 21.27 15.90
C SER B 221 14.31 22.34 15.47
N ASP B 222 14.57 23.59 15.88
CA ASP B 222 13.71 24.72 15.59
C ASP B 222 13.30 24.78 14.11
N LEU B 223 14.29 24.90 13.23
CA LEU B 223 14.01 25.03 11.80
C LEU B 223 13.38 23.76 11.21
N ILE B 224 13.81 22.61 11.73
CA ILE B 224 13.22 21.35 11.28
C ILE B 224 11.71 21.35 11.46
N LYS B 225 11.26 21.46 12.71
CA LYS B 225 9.82 21.40 12.99
C LYS B 225 9.02 22.34 12.09
N LYS B 226 9.56 23.53 11.84
CA LYS B 226 8.90 24.49 10.98
C LYS B 226 8.78 24.00 9.54
N ALA B 227 9.89 23.53 8.96
CA ALA B 227 9.83 23.06 7.59
C ALA B 227 8.82 21.93 7.48
N LEU B 228 8.80 21.07 8.51
CA LEU B 228 7.81 19.98 8.56
C LEU B 228 6.39 20.53 8.49
N LEU B 229 6.08 21.51 9.34
CA LEU B 229 4.73 22.07 9.33
C LEU B 229 4.35 22.68 8.00
N GLN B 230 5.27 23.42 7.40
CA GLN B 230 5.03 23.99 6.09
C GLN B 230 4.71 22.90 5.07
N SER B 231 5.46 21.80 5.12
CA SER B 231 5.25 20.70 4.18
C SER B 231 3.90 20.02 4.42
N LYS B 232 3.53 19.87 5.69
CA LYS B 232 2.23 19.33 6.04
C LYS B 232 1.13 20.17 5.42
N LEU B 233 1.22 21.48 5.62
CA LEU B 233 0.23 22.40 5.10
C LEU B 233 0.11 22.28 3.58
N ASN B 234 1.25 22.28 2.88
CA ASN B 234 1.23 22.10 1.43
C ASN B 234 0.56 20.81 1.02
N ILE B 235 1.17 19.72 1.43
CA ILE B 235 0.71 18.38 1.08
C ILE B 235 -0.78 18.22 1.34
N GLU B 236 -1.24 18.55 2.55
CA GLU B 236 -2.67 18.48 2.86
C GLU B 236 -3.51 19.40 2.00
N ARG B 237 -2.99 20.59 1.67
CA ARG B 237 -3.69 21.49 0.78
C ARG B 237 -3.97 20.73 -0.51
N ALA B 238 -3.03 19.90 -0.93
CA ALA B 238 -3.16 19.22 -2.22
C ALA B 238 -3.83 17.84 -2.11
N ILE B 239 -3.83 17.25 -0.92
CA ILE B 239 -4.22 15.85 -0.78
C ILE B 239 -5.03 15.53 0.49
N GLY B 240 -5.38 16.57 1.25
CA GLY B 240 -6.11 16.40 2.50
C GLY B 240 -7.56 16.01 2.33
N ARG B 241 -8.30 15.99 3.44
CA ARG B 241 -9.68 15.53 3.45
C ARG B 241 -10.69 16.63 3.83
#